data_9EKQ
#
_entry.id   9EKQ
#
_cell.length_a   128.442
_cell.length_b   56.922
_cell.length_c   50.824
_cell.angle_alpha   90.00
_cell.angle_beta   102.47
_cell.angle_gamma   90.00
#
_symmetry.space_group_name_H-M   'C 1 2 1'
#
loop_
_entity.id
_entity.type
_entity.pdbx_description
1 polymer 'Lantibiotic leader peptide processing serine protease CylA'
2 water water
#
_entity_poly.entity_id   1
_entity_poly.type   'polypeptide(L)'
_entity_poly.pdbx_seq_one_letter_code
;MGSSHHHHHHSQDPNSLSNNISFFIDNSQTTAIEEIESELSSEKVDYIQEIGLVSFKNLDDSDRKFIGKYFNVSEGKKLP
DFKPEEVNSSILNINILNKDFKSFNWPYKKILSHIDPVKEQLGKDITIALIDSGIDRLHPNLQDNNLRLKNYVNDIELDE
YGHGTQVAGVIDTIAPRVNLNSYKVMDGTDGNSINMLKAIVDATNDQVDIINVSLGSYKNMEIDDERFTVEAFRKVVNYA
RKNNILIVASAGNESRDISTGNEKHIPGGLESVITVGATKKSGDIADYSNYGSNVSIYGPAGGYGDNYKITGQIDAREMM
MTYYPTSLVSPLGKAADFPDGYTLSFGTSLATPEVSAALAAIMSKNVDNSKDSNEVLNTLFENADSFIDKNSMLKYKEVR
IK
;
_entity_poly.pdbx_strand_id   A
#
# COMPACT_ATOMS: atom_id res chain seq x y z
N ASN A 20 -20.16 10.93 -0.04
CA ASN A 20 -20.39 10.34 1.27
C ASN A 20 -20.46 11.41 2.35
N ILE A 21 -21.22 11.14 3.42
CA ILE A 21 -21.19 11.96 4.63
C ILE A 21 -20.84 11.06 5.80
N SER A 22 -19.87 11.48 6.58
CA SER A 22 -19.24 10.63 7.59
C SER A 22 -19.24 11.34 8.92
N PHE A 23 -19.32 10.54 9.99
CA PHE A 23 -19.44 11.04 11.35
C PHE A 23 -18.62 10.16 12.29
N PHE A 24 -18.11 10.77 13.34
CA PHE A 24 -17.62 10.01 14.49
C PHE A 24 -18.76 9.81 15.48
N ILE A 25 -18.86 8.59 16.01
CA ILE A 25 -19.97 8.18 16.86
C ILE A 25 -19.36 7.89 18.23
N ASP A 26 -19.90 8.54 19.26
CA ASP A 26 -19.39 8.29 20.60
C ASP A 26 -19.91 6.94 21.10
N ASN A 27 -19.20 6.38 22.08
CA ASN A 27 -19.66 5.13 22.69
C ASN A 27 -21.05 5.27 23.31
N SER A 28 -21.44 6.49 23.70
CA SER A 28 -22.78 6.75 24.21
C SER A 28 -23.85 6.71 23.13
N GLN A 29 -23.46 6.73 21.85
CA GLN A 29 -24.39 6.83 20.74
C GLN A 29 -24.47 5.54 19.94
N THR A 30 -23.99 4.42 20.47
CA THR A 30 -23.95 3.21 19.66
C THR A 30 -25.34 2.69 19.33
N THR A 31 -26.32 2.92 20.20
CA THR A 31 -27.69 2.52 19.88
C THR A 31 -28.23 3.27 18.67
N ALA A 32 -27.82 4.54 18.50
CA ALA A 32 -28.21 5.30 17.32
C ALA A 32 -27.75 4.62 16.05
N ILE A 33 -26.47 4.19 15.99
CA ILE A 33 -26.00 3.54 14.78
C ILE A 33 -26.76 2.24 14.55
N GLU A 34 -27.06 1.52 15.62
CA GLU A 34 -27.84 0.29 15.49
C GLU A 34 -29.21 0.57 14.86
N GLU A 35 -29.89 1.61 15.33
CA GLU A 35 -31.20 1.94 14.78
C GLU A 35 -31.10 2.39 13.33
N ILE A 36 -30.03 3.10 12.96
CA ILE A 36 -29.86 3.53 11.59
C ILE A 36 -29.52 2.35 10.69
N GLU A 37 -28.63 1.46 11.14
CA GLU A 37 -28.29 0.28 10.37
C GLU A 37 -29.50 -0.61 10.11
N SER A 38 -30.43 -0.67 11.07
CA SER A 38 -31.62 -1.47 10.89
C SER A 38 -32.58 -0.84 9.89
N GLU A 39 -32.65 0.50 9.86
CA GLU A 39 -33.60 1.21 9.01
C GLU A 39 -33.12 1.31 7.57
N LEU A 40 -31.85 1.66 7.37
CA LEU A 40 -31.31 1.92 6.04
C LEU A 40 -30.79 0.63 5.41
N SER A 41 -30.77 0.61 4.08
CA SER A 41 -30.20 -0.54 3.39
C SER A 41 -28.70 -0.64 3.66
N SER A 42 -28.22 -1.87 3.81
CA SER A 42 -26.85 -2.11 4.26
C SER A 42 -25.81 -1.50 3.33
N GLU A 43 -26.10 -1.46 2.04
CA GLU A 43 -25.23 -0.87 1.05
C GLU A 43 -25.14 0.66 1.11
N LYS A 44 -25.88 1.31 2.00
CA LYS A 44 -25.77 2.74 2.23
C LYS A 44 -24.97 3.11 3.48
N VAL A 45 -24.57 2.14 4.29
CA VAL A 45 -23.99 2.42 5.61
C VAL A 45 -22.71 1.61 5.76
N ASP A 46 -21.63 2.27 6.17
CA ASP A 46 -20.39 1.62 6.54
C ASP A 46 -20.03 2.09 7.95
N TYR A 47 -20.09 1.18 8.91
CA TYR A 47 -19.80 1.47 10.30
C TYR A 47 -18.55 0.72 10.70
N ILE A 48 -17.56 1.43 11.23
CA ILE A 48 -16.36 0.81 11.75
C ILE A 48 -16.38 0.96 13.27
N GLN A 49 -16.92 -0.07 13.93
CA GLN A 49 -16.89 -0.13 15.38
C GLN A 49 -15.57 0.26 16.05
N GLU A 50 -14.45 -0.28 15.61
CA GLU A 50 -13.19 -0.12 16.31
C GLU A 50 -12.69 1.34 16.39
N ILE A 51 -13.19 2.23 15.53
CA ILE A 51 -12.78 3.62 15.53
C ILE A 51 -13.97 4.57 15.64
N GLY A 52 -15.15 4.05 15.91
CA GLY A 52 -16.32 4.92 16.07
C GLY A 52 -16.63 5.77 14.86
N LEU A 53 -16.54 5.20 13.67
CA LEU A 53 -16.75 5.94 12.42
C LEU A 53 -17.92 5.34 11.68
N VAL A 54 -18.83 6.19 11.22
CA VAL A 54 -19.85 5.78 10.26
C VAL A 54 -19.76 6.67 9.03
N SER A 55 -20.00 6.08 7.86
CA SER A 55 -19.99 6.80 6.61
C SER A 55 -21.21 6.36 5.80
N PHE A 56 -21.96 7.33 5.30
CA PHE A 56 -23.17 7.07 4.54
C PHE A 56 -22.98 7.48 3.08
N LYS A 57 -23.62 6.73 2.19
CA LYS A 57 -23.52 7.00 0.76
C LYS A 57 -24.83 6.64 0.09
N ASN A 58 -25.09 7.30 -1.04
CA ASN A 58 -26.28 7.04 -1.86
C ASN A 58 -27.59 7.21 -1.07
N LEU A 59 -27.65 8.24 -0.26
CA LEU A 59 -28.83 8.49 0.56
C LEU A 59 -29.88 9.26 -0.23
N ASP A 60 -31.14 9.03 0.12
CA ASP A 60 -32.25 9.86 -0.35
C ASP A 60 -32.75 10.75 0.79
N ASP A 61 -33.79 11.52 0.49
CA ASP A 61 -34.34 12.45 1.47
C ASP A 61 -34.83 11.70 2.71
N SER A 62 -35.45 10.54 2.52
CA SER A 62 -35.95 9.77 3.65
C SER A 62 -34.81 9.30 4.54
N ASP A 63 -33.70 8.87 3.93
CA ASP A 63 -32.55 8.42 4.70
C ASP A 63 -31.95 9.57 5.50
N ARG A 64 -31.78 10.73 4.86
CA ARG A 64 -31.21 11.88 5.56
C ARG A 64 -32.10 12.30 6.71
N LYS A 65 -33.42 12.25 6.53
CA LYS A 65 -34.33 12.62 7.60
C LYS A 65 -34.18 11.68 8.79
N PHE A 66 -34.06 10.38 8.53
CA PHE A 66 -33.91 9.42 9.62
C PHE A 66 -32.59 9.62 10.35
N ILE A 67 -31.49 9.76 9.61
CA ILE A 67 -30.20 10.03 10.22
C ILE A 67 -30.25 11.32 11.03
N GLY A 68 -30.99 12.30 10.54
CA GLY A 68 -31.06 13.62 11.16
C GLY A 68 -31.68 13.64 12.54
N LYS A 69 -32.35 12.56 12.95
CA LYS A 69 -32.88 12.54 14.30
C LYS A 69 -31.87 12.03 15.31
N TYR A 70 -30.67 11.68 14.87
CA TYR A 70 -29.56 11.30 15.72
C TYR A 70 -28.33 12.18 15.53
N PHE A 71 -28.08 12.63 14.32
CA PHE A 71 -26.90 13.41 13.99
C PHE A 71 -27.31 14.59 13.13
N ASN A 72 -26.38 15.51 12.94
CA ASN A 72 -26.61 16.71 12.15
C ASN A 72 -26.02 16.44 10.76
N VAL A 73 -26.91 16.18 9.80
CA VAL A 73 -26.48 15.78 8.46
C VAL A 73 -25.57 16.83 7.84
N SER A 74 -25.86 18.11 8.07
CA SER A 74 -25.02 19.16 7.51
C SER A 74 -23.61 19.17 8.10
N GLU A 75 -23.40 18.51 9.24
CA GLU A 75 -22.08 18.39 9.83
C GLU A 75 -21.33 17.16 9.34
N GLY A 76 -21.90 16.37 8.44
CA GLY A 76 -21.19 15.21 7.93
C GLY A 76 -20.00 15.61 7.08
N LYS A 77 -18.91 14.86 7.21
CA LYS A 77 -17.67 15.15 6.51
C LYS A 77 -17.47 14.17 5.37
N LYS A 78 -16.78 14.62 4.32
CA LYS A 78 -16.60 13.84 3.11
C LYS A 78 -15.23 13.20 3.12
N LEU A 79 -15.20 11.87 3.21
CA LEU A 79 -13.94 11.16 3.09
C LEU A 79 -13.48 11.18 1.63
N PRO A 80 -12.19 11.36 1.38
CA PRO A 80 -11.72 11.54 0.01
C PRO A 80 -11.54 10.24 -0.74
N ASP A 81 -11.44 10.36 -2.06
CA ASP A 81 -11.06 9.22 -2.87
C ASP A 81 -9.54 9.10 -2.88
N PHE A 82 -9.05 7.91 -3.21
CA PHE A 82 -7.62 7.67 -3.32
C PHE A 82 -7.32 7.12 -4.70
N LYS A 83 -6.03 7.10 -5.01
CA LYS A 83 -5.57 6.63 -6.30
CA LYS A 83 -5.54 6.66 -6.30
C LYS A 83 -4.36 5.72 -6.10
N PRO A 84 -4.04 4.89 -7.08
CA PRO A 84 -2.83 4.07 -6.99
C PRO A 84 -1.61 4.96 -7.09
N GLU A 85 -0.58 4.59 -6.35
CA GLU A 85 0.67 5.35 -6.40
C GLU A 85 1.78 4.51 -7.01
N ASN A 93 9.25 -21.82 -15.20
CA ASN A 93 9.13 -20.85 -14.13
C ASN A 93 10.09 -19.69 -14.34
N ILE A 94 9.62 -18.47 -14.05
CA ILE A 94 10.37 -17.24 -14.25
C ILE A 94 10.83 -16.71 -12.90
N ASN A 95 12.09 -16.28 -12.84
CA ASN A 95 12.71 -15.71 -11.64
C ASN A 95 13.23 -14.33 -12.03
N ILE A 96 12.61 -13.27 -11.50
CA ILE A 96 13.07 -11.90 -11.79
C ILE A 96 14.54 -11.72 -11.48
N LEU A 97 15.05 -12.44 -10.49
CA LEU A 97 16.45 -12.30 -10.08
C LEU A 97 17.43 -12.97 -11.04
N ASN A 98 16.93 -13.68 -12.06
CA ASN A 98 17.81 -14.31 -13.04
C ASN A 98 18.54 -13.27 -13.87
N LYS A 99 19.78 -13.61 -14.27
CA LYS A 99 20.59 -12.65 -15.03
C LYS A 99 19.96 -12.30 -16.38
N ASP A 100 19.01 -13.10 -16.86
CA ASP A 100 18.27 -12.72 -18.06
C ASP A 100 17.62 -11.35 -17.92
N PHE A 101 17.36 -10.93 -16.68
CA PHE A 101 16.65 -9.68 -16.41
C PHE A 101 17.55 -8.63 -15.75
N LYS A 102 18.87 -8.74 -15.93
CA LYS A 102 19.80 -7.84 -15.26
C LYS A 102 19.55 -6.37 -15.59
N SER A 103 19.00 -6.05 -16.76
CA SER A 103 18.73 -4.65 -17.05
C SER A 103 17.63 -4.08 -16.17
N PHE A 104 16.78 -4.94 -15.63
CA PHE A 104 15.52 -4.54 -15.04
C PHE A 104 15.33 -4.98 -13.60
N ASN A 105 16.21 -5.84 -13.09
CA ASN A 105 16.10 -6.33 -11.72
C ASN A 105 17.05 -5.61 -10.78
N TRP A 106 17.67 -4.55 -11.25
CA TRP A 106 18.63 -3.78 -10.48
C TRP A 106 18.09 -3.31 -9.13
N PRO A 107 16.80 -2.96 -8.97
CA PRO A 107 16.36 -2.54 -7.62
C PRO A 107 16.51 -3.65 -6.60
N TYR A 108 16.15 -4.87 -6.99
CA TYR A 108 16.26 -6.00 -6.08
C TYR A 108 17.70 -6.30 -5.74
N LYS A 109 18.59 -6.26 -6.74
CA LYS A 109 20.00 -6.53 -6.48
C LYS A 109 20.58 -5.51 -5.52
N LYS A 110 20.14 -4.25 -5.63
CA LYS A 110 20.67 -3.21 -4.76
C LYS A 110 20.29 -3.46 -3.32
N ILE A 111 19.06 -3.88 -3.07
CA ILE A 111 18.61 -4.05 -1.69
C ILE A 111 18.94 -5.41 -1.09
N LEU A 112 19.13 -6.43 -1.91
CA LEU A 112 19.47 -7.77 -1.44
C LEU A 112 20.96 -8.03 -1.39
N SER A 113 21.75 -7.27 -2.15
CA SER A 113 23.15 -7.59 -2.35
CA SER A 113 23.15 -7.59 -2.36
C SER A 113 23.29 -9.04 -2.80
N HIS A 114 23.91 -9.88 -1.98
CA HIS A 114 24.16 -11.27 -2.35
C HIS A 114 23.18 -12.24 -1.69
N ILE A 115 22.18 -11.75 -0.97
CA ILE A 115 21.20 -12.63 -0.33
C ILE A 115 20.38 -13.34 -1.39
N ASP A 116 20.21 -14.66 -1.23
CA ASP A 116 19.31 -15.47 -2.03
C ASP A 116 18.01 -15.61 -1.25
N PRO A 117 16.94 -14.88 -1.61
CA PRO A 117 15.70 -14.93 -0.80
C PRO A 117 15.04 -16.29 -0.78
N VAL A 118 15.19 -17.07 -1.86
CA VAL A 118 14.60 -18.40 -1.89
C VAL A 118 15.34 -19.34 -0.95
N LYS A 119 16.67 -19.34 -1.01
CA LYS A 119 17.47 -20.17 -0.10
C LYS A 119 17.18 -19.82 1.35
N GLU A 120 17.11 -18.53 1.66
CA GLU A 120 16.86 -18.09 3.02
C GLU A 120 15.39 -18.17 3.42
N GLN A 121 14.49 -18.51 2.50
CA GLN A 121 13.08 -18.67 2.82
C GLN A 121 12.51 -17.41 3.48
N LEU A 122 12.88 -16.26 2.95
CA LEU A 122 12.53 -15.01 3.61
C LEU A 122 11.02 -14.81 3.63
N GLY A 123 10.52 -14.36 4.77
CA GLY A 123 9.12 -14.09 4.96
C GLY A 123 8.29 -15.29 5.37
N LYS A 124 8.89 -16.46 5.54
CA LYS A 124 8.12 -17.65 5.88
C LYS A 124 7.29 -17.43 7.13
N ASP A 125 6.00 -17.78 7.04
CA ASP A 125 5.04 -17.73 8.14
C ASP A 125 4.68 -16.32 8.56
N ILE A 126 5.02 -15.32 7.75
CA ILE A 126 4.62 -13.94 7.97
C ILE A 126 3.55 -13.60 6.97
N THR A 127 2.54 -12.86 7.40
CA THR A 127 1.41 -12.49 6.55
C THR A 127 1.42 -11.00 6.29
N ILE A 128 1.36 -10.64 5.01
CA ILE A 128 1.27 -9.25 4.60
C ILE A 128 -0.11 -9.01 3.98
N ALA A 129 -0.78 -7.97 4.47
CA ALA A 129 -1.99 -7.45 3.85
C ALA A 129 -1.64 -6.50 2.70
N LEU A 130 -2.16 -6.77 1.53
CA LEU A 130 -2.02 -5.90 0.36
CA LEU A 130 -2.01 -5.90 0.37
C LEU A 130 -3.35 -5.18 0.17
N ILE A 131 -3.40 -3.92 0.58
CA ILE A 131 -4.60 -3.12 0.42
C ILE A 131 -4.44 -2.41 -0.91
N ASP A 132 -5.17 -2.88 -1.95
CA ASP A 132 -4.79 -2.46 -3.29
C ASP A 132 -5.90 -2.85 -4.26
N SER A 133 -5.56 -3.07 -5.52
CA SER A 133 -6.58 -3.34 -6.54
C SER A 133 -6.88 -4.82 -6.69
N GLY A 134 -6.46 -5.65 -5.75
CA GLY A 134 -6.59 -7.08 -5.88
C GLY A 134 -5.33 -7.69 -6.46
N ILE A 135 -5.39 -8.99 -6.70
CA ILE A 135 -4.24 -9.74 -7.13
CA ILE A 135 -4.24 -9.78 -7.09
C ILE A 135 -4.70 -10.81 -8.12
N ASP A 136 -3.83 -11.11 -9.08
CA ASP A 136 -4.12 -12.16 -10.05
C ASP A 136 -3.87 -13.51 -9.38
N ARG A 137 -4.95 -14.15 -8.94
CA ARG A 137 -4.81 -15.41 -8.21
C ARG A 137 -4.31 -16.54 -9.09
N LEU A 138 -4.31 -16.36 -10.41
CA LEU A 138 -3.84 -17.38 -11.34
C LEU A 138 -2.39 -17.18 -11.76
N HIS A 139 -1.72 -16.15 -11.22
CA HIS A 139 -0.36 -15.89 -11.66
C HIS A 139 0.54 -17.08 -11.28
N PRO A 140 1.37 -17.58 -12.19
CA PRO A 140 2.15 -18.78 -11.87
C PRO A 140 3.11 -18.59 -10.72
N ASN A 141 3.51 -17.37 -10.40
CA ASN A 141 4.42 -17.15 -9.28
C ASN A 141 3.71 -16.78 -8.00
N LEU A 142 2.37 -16.78 -7.98
CA LEU A 142 1.63 -16.43 -6.76
C LEU A 142 0.85 -17.61 -6.22
N GLN A 143 1.28 -18.83 -6.53
CA GLN A 143 0.58 -20.02 -6.09
C GLN A 143 1.09 -20.54 -4.74
N ASP A 144 2.19 -19.96 -4.21
CA ASP A 144 2.83 -20.41 -2.98
CA ASP A 144 2.81 -20.42 -2.97
C ASP A 144 2.73 -19.37 -1.87
N ASN A 145 1.71 -18.52 -1.89
CA ASN A 145 1.61 -17.47 -0.88
C ASN A 145 0.33 -17.59 -0.08
N ASN A 146 -0.31 -18.76 -0.13
CA ASN A 146 -1.54 -19.00 0.62
C ASN A 146 -2.52 -17.85 0.47
N LEU A 147 -2.69 -17.42 -0.77
CA LEU A 147 -3.45 -16.21 -1.07
CA LEU A 147 -3.46 -16.21 -1.07
C LEU A 147 -4.85 -16.29 -0.47
N ARG A 148 -5.26 -15.22 0.19
CA ARG A 148 -6.62 -15.04 0.70
C ARG A 148 -7.13 -13.73 0.12
N LEU A 149 -8.29 -13.75 -0.53
CA LEU A 149 -8.84 -12.61 -1.25
CA LEU A 149 -8.82 -12.58 -1.22
C LEU A 149 -10.08 -12.07 -0.54
N LYS A 150 -10.17 -10.74 -0.43
CA LYS A 150 -11.37 -10.06 0.01
C LYS A 150 -11.59 -8.90 -0.93
N ASN A 151 -12.84 -8.65 -1.30
CA ASN A 151 -13.17 -7.65 -2.32
C ASN A 151 -14.25 -6.74 -1.73
N TYR A 152 -13.93 -5.45 -1.62
CA TYR A 152 -14.82 -4.46 -1.02
C TYR A 152 -15.67 -3.72 -2.02
N VAL A 153 -15.47 -3.93 -3.32
CA VAL A 153 -16.02 -3.04 -4.34
C VAL A 153 -16.98 -3.72 -5.29
N ASN A 154 -16.74 -4.98 -5.65
CA ASN A 154 -17.58 -5.63 -6.66
C ASN A 154 -17.45 -7.15 -6.51
N ASP A 155 -17.96 -7.87 -7.52
CA ASP A 155 -17.87 -9.32 -7.55
C ASP A 155 -16.91 -9.81 -8.63
N ILE A 156 -16.01 -8.95 -9.09
CA ILE A 156 -15.05 -9.30 -10.15
C ILE A 156 -13.77 -9.77 -9.46
N GLU A 157 -13.35 -10.99 -9.74
CA GLU A 157 -12.30 -11.47 -8.86
C GLU A 157 -10.91 -11.05 -9.36
N LEU A 158 -10.85 -10.44 -10.54
CA LEU A 158 -9.62 -10.02 -11.22
C LEU A 158 -8.96 -8.86 -10.49
N ASP A 159 -7.65 -8.74 -10.69
CA ASP A 159 -6.94 -7.47 -10.50
C ASP A 159 -7.18 -6.68 -11.78
N GLU A 160 -8.17 -5.77 -11.76
CA GLU A 160 -8.70 -5.23 -13.01
C GLU A 160 -7.68 -4.40 -13.79
N TYR A 161 -6.80 -3.66 -13.12
CA TYR A 161 -5.84 -2.85 -13.88
C TYR A 161 -4.38 -3.14 -13.55
N GLY A 162 -4.10 -4.06 -12.64
CA GLY A 162 -2.77 -4.64 -12.52
C GLY A 162 -1.93 -4.13 -11.37
N HIS A 163 -2.42 -3.16 -10.60
CA HIS A 163 -1.56 -2.50 -9.63
C HIS A 163 -1.22 -3.41 -8.46
N GLY A 164 -2.22 -4.08 -7.88
CA GLY A 164 -1.96 -4.96 -6.74
C GLY A 164 -1.04 -6.10 -7.10
N THR A 165 -1.14 -6.60 -8.33
CA THR A 165 -0.27 -7.69 -8.77
C THR A 165 1.18 -7.21 -8.89
N GLN A 166 1.37 -5.98 -9.37
CA GLN A 166 2.71 -5.39 -9.40
C GLN A 166 3.30 -5.30 -8.00
N VAL A 167 2.49 -4.89 -7.02
CA VAL A 167 2.98 -4.77 -5.66
C VAL A 167 3.31 -6.15 -5.10
N ALA A 168 2.44 -7.13 -5.35
CA ALA A 168 2.68 -8.49 -4.88
C ALA A 168 3.97 -9.05 -5.47
N GLY A 169 4.29 -8.69 -6.72
CA GLY A 169 5.50 -9.22 -7.34
C GLY A 169 6.76 -8.72 -6.66
N VAL A 170 6.75 -7.47 -6.22
CA VAL A 170 7.89 -6.97 -5.47
C VAL A 170 8.05 -7.76 -4.19
N ILE A 171 6.96 -7.95 -3.46
CA ILE A 171 7.00 -8.70 -2.21
C ILE A 171 7.49 -10.12 -2.47
N ASP A 172 6.95 -10.78 -3.48
CA ASP A 172 7.24 -12.20 -3.69
C ASP A 172 8.68 -12.40 -4.15
N THR A 173 9.25 -11.39 -4.82
CA THR A 173 10.63 -11.50 -5.27
C THR A 173 11.61 -11.38 -4.11
N ILE A 174 11.27 -10.59 -3.08
CA ILE A 174 12.15 -10.33 -1.96
C ILE A 174 11.91 -11.29 -0.80
N ALA A 175 10.64 -11.57 -0.53
CA ALA A 175 10.22 -12.41 0.59
C ALA A 175 9.29 -13.48 0.06
N PRO A 176 9.84 -14.44 -0.68
CA PRO A 176 8.99 -15.39 -1.42
C PRO A 176 8.13 -16.29 -0.58
N ARG A 177 8.42 -16.46 0.71
CA ARG A 177 7.65 -17.38 1.53
C ARG A 177 6.54 -16.70 2.33
N VAL A 178 6.30 -15.41 2.10
CA VAL A 178 5.22 -14.73 2.84
C VAL A 178 3.87 -15.30 2.45
N ASN A 179 2.91 -15.16 3.36
CA ASN A 179 1.50 -15.31 3.05
C ASN A 179 0.95 -13.96 2.63
N LEU A 180 0.07 -13.95 1.63
CA LEU A 180 -0.52 -12.72 1.14
C LEU A 180 -2.03 -12.71 1.35
N ASN A 181 -2.53 -11.70 2.04
CA ASN A 181 -3.96 -11.42 2.13
C ASN A 181 -4.23 -10.19 1.27
N SER A 182 -5.02 -10.35 0.22
CA SER A 182 -5.38 -9.25 -0.64
C SER A 182 -6.70 -8.64 -0.18
N TYR A 183 -6.70 -7.33 -0.03
CA TYR A 183 -7.89 -6.54 0.32
C TYR A 183 -8.11 -5.59 -0.86
N LYS A 184 -9.03 -5.98 -1.76
CA LYS A 184 -9.29 -5.22 -2.98
C LYS A 184 -10.24 -4.10 -2.64
N VAL A 185 -9.70 -2.88 -2.61
CA VAL A 185 -10.44 -1.70 -2.19
C VAL A 185 -10.73 -0.79 -3.35
N MET A 186 -10.46 -1.22 -4.57
CA MET A 186 -10.75 -0.43 -5.77
C MET A 186 -10.86 -1.37 -6.95
N ASP A 187 -11.76 -1.02 -7.88
CA ASP A 187 -11.88 -1.69 -9.16
C ASP A 187 -10.85 -1.09 -10.11
N GLY A 188 -11.23 -0.01 -10.75
CA GLY A 188 -10.31 0.81 -11.53
C GLY A 188 -9.53 1.76 -10.65
N THR A 189 -9.08 2.87 -11.24
CA THR A 189 -8.01 3.67 -10.67
C THR A 189 -8.49 4.68 -9.65
N ASP A 190 -9.73 4.59 -9.18
CA ASP A 190 -10.20 5.55 -8.20
C ASP A 190 -10.98 4.75 -7.15
N GLY A 191 -10.61 4.84 -5.87
CA GLY A 191 -11.32 4.16 -4.82
C GLY A 191 -11.79 5.12 -3.75
N ASN A 192 -12.70 4.64 -2.90
CA ASN A 192 -13.27 5.44 -1.81
C ASN A 192 -12.56 5.13 -0.51
N SER A 193 -12.10 6.16 0.21
CA SER A 193 -11.26 5.91 1.39
C SER A 193 -11.95 5.13 2.50
N ILE A 194 -13.29 5.15 2.58
CA ILE A 194 -13.98 4.30 3.57
C ILE A 194 -13.55 2.84 3.42
N ASN A 195 -13.32 2.39 2.18
CA ASN A 195 -12.91 1.00 1.98
C ASN A 195 -11.48 0.75 2.42
N MET A 196 -10.61 1.74 2.26
CA MET A 196 -9.25 1.62 2.79
C MET A 196 -9.29 1.55 4.32
N LEU A 197 -10.13 2.36 4.96
CA LEU A 197 -10.22 2.32 6.42
C LEU A 197 -10.74 0.99 6.90
N LYS A 198 -11.80 0.50 6.25
CA LYS A 198 -12.34 -0.82 6.60
C LYS A 198 -11.28 -1.90 6.44
N ALA A 199 -10.52 -1.85 5.34
CA ALA A 199 -9.52 -2.88 5.09
C ALA A 199 -8.40 -2.86 6.11
N ILE A 200 -8.00 -1.69 6.59
CA ILE A 200 -6.95 -1.65 7.61
C ILE A 200 -7.44 -2.32 8.89
N VAL A 201 -8.69 -2.07 9.27
CA VAL A 201 -9.24 -2.68 10.48
C VAL A 201 -9.44 -4.17 10.27
N ASP A 202 -9.97 -4.57 9.11
CA ASP A 202 -10.21 -5.98 8.83
C ASP A 202 -8.89 -6.74 8.78
N ALA A 203 -7.86 -6.15 8.17
CA ALA A 203 -6.55 -6.80 8.13
C ALA A 203 -5.98 -6.97 9.55
N THR A 204 -6.18 -5.96 10.39
CA THR A 204 -5.78 -6.09 11.78
C THR A 204 -6.51 -7.24 12.48
N ASN A 205 -7.82 -7.31 12.27
CA ASN A 205 -8.61 -8.37 12.88
C ASN A 205 -8.30 -9.74 12.30
N ASP A 206 -7.80 -9.79 11.05
CA ASP A 206 -7.33 -11.01 10.41
C ASP A 206 -5.95 -11.42 10.88
N GLN A 207 -5.34 -10.65 11.78
CA GLN A 207 -4.09 -11.03 12.43
C GLN A 207 -2.92 -11.02 11.44
N VAL A 208 -2.92 -10.14 10.45
CA VAL A 208 -1.75 -10.03 9.58
C VAL A 208 -0.62 -9.42 10.38
N ASP A 209 0.60 -9.49 9.85
CA ASP A 209 1.74 -8.95 10.55
C ASP A 209 2.14 -7.57 10.06
N ILE A 210 1.90 -7.30 8.79
CA ILE A 210 2.32 -6.09 8.10
C ILE A 210 1.20 -5.71 7.15
N ILE A 211 0.89 -4.41 7.08
CA ILE A 211 -0.12 -3.89 6.15
C ILE A 211 0.59 -2.99 5.15
N ASN A 212 0.44 -3.30 3.86
CA ASN A 212 1.06 -2.54 2.76
C ASN A 212 -0.04 -1.72 2.07
N VAL A 213 0.14 -0.41 1.98
CA VAL A 213 -0.81 0.50 1.31
C VAL A 213 -0.06 1.33 0.27
N SER A 214 -0.03 0.83 -0.96
CA SER A 214 0.59 1.52 -2.11
C SER A 214 -0.40 2.42 -2.83
N LEU A 215 -1.18 3.15 -2.05
CA LEU A 215 -2.28 3.98 -2.52
C LEU A 215 -2.26 5.25 -1.70
N GLY A 216 -2.82 6.32 -2.26
CA GLY A 216 -2.84 7.56 -1.51
C GLY A 216 -3.82 8.57 -2.05
N SER A 217 -4.14 9.56 -1.20
CA SER A 217 -4.94 10.73 -1.51
C SER A 217 -4.10 11.97 -1.25
N TYR A 218 -4.18 12.97 -2.14
CA TYR A 218 -3.46 14.21 -1.85
C TYR A 218 -4.09 15.29 -2.72
N LYS A 219 -4.93 16.10 -2.09
CA LYS A 219 -5.92 16.92 -2.77
C LYS A 219 -6.20 18.12 -1.89
N ASN A 220 -6.55 19.24 -2.52
CA ASN A 220 -6.95 20.41 -1.74
C ASN A 220 -8.31 20.16 -1.10
N MET A 221 -8.36 19.21 -0.17
CA MET A 221 -9.60 18.91 0.53
C MET A 221 -10.09 20.14 1.27
N GLU A 222 -11.41 20.24 1.44
CA GLU A 222 -11.94 21.23 2.34
C GLU A 222 -11.40 20.93 3.73
N ILE A 223 -10.84 21.96 4.38
CA ILE A 223 -9.97 21.77 5.54
C ILE A 223 -10.66 20.99 6.67
N ASP A 224 -11.98 21.15 6.81
CA ASP A 224 -12.68 20.39 7.84
C ASP A 224 -12.80 18.92 7.45
N ASP A 225 -13.04 18.64 6.17
CA ASP A 225 -13.01 17.24 5.72
C ASP A 225 -11.63 16.65 5.93
N GLU A 226 -10.59 17.44 5.73
CA GLU A 226 -9.25 16.90 5.85
C GLU A 226 -8.89 16.64 7.32
N ARG A 227 -9.29 17.55 8.23
CA ARG A 227 -9.07 17.26 9.65
C ARG A 227 -9.79 15.99 10.07
N PHE A 228 -11.03 15.80 9.59
CA PHE A 228 -11.79 14.59 9.89
C PHE A 228 -11.08 13.35 9.34
N THR A 229 -10.65 13.43 8.08
CA THR A 229 -10.00 12.28 7.44
C THR A 229 -8.70 11.94 8.15
N VAL A 230 -7.90 12.94 8.49
CA VAL A 230 -6.65 12.69 9.20
C VAL A 230 -6.92 12.00 10.54
N GLU A 231 -7.97 12.43 11.26
CA GLU A 231 -8.29 11.77 12.53
C GLU A 231 -8.78 10.34 12.32
N ALA A 232 -9.58 10.11 11.28
CA ALA A 232 -10.04 8.76 10.98
C ALA A 232 -8.85 7.85 10.72
N PHE A 233 -7.86 8.33 9.95
CA PHE A 233 -6.67 7.53 9.70
C PHE A 233 -5.80 7.37 10.94
N ARG A 234 -5.67 8.41 11.77
CA ARG A 234 -4.97 8.25 13.03
C ARG A 234 -5.56 7.10 13.85
N LYS A 235 -6.89 7.02 13.89
CA LYS A 235 -7.54 5.99 14.68
C LYS A 235 -7.31 4.60 14.10
N VAL A 236 -7.38 4.44 12.77
CA VAL A 236 -7.17 3.10 12.22
C VAL A 236 -5.70 2.71 12.34
N VAL A 237 -4.79 3.67 12.14
CA VAL A 237 -3.37 3.37 12.25
C VAL A 237 -3.03 2.98 13.70
N ASN A 238 -3.60 3.69 14.66
CA ASN A 238 -3.37 3.35 16.07
C ASN A 238 -3.93 1.98 16.41
N TYR A 239 -5.07 1.62 15.81
CA TYR A 239 -5.66 0.32 16.06
C TYR A 239 -4.72 -0.78 15.59
N ALA A 240 -4.18 -0.65 14.37
CA ALA A 240 -3.20 -1.61 13.88
C ALA A 240 -1.97 -1.67 14.79
N ARG A 241 -1.42 -0.50 15.15
CA ARG A 241 -0.18 -0.49 15.90
C ARG A 241 -0.38 -1.09 17.30
N LYS A 242 -1.55 -0.83 17.91
CA LYS A 242 -1.80 -1.37 19.24
C LYS A 242 -1.90 -2.89 19.21
N ASN A 243 -2.25 -3.45 18.06
CA ASN A 243 -2.24 -4.89 17.83
C ASN A 243 -0.91 -5.37 17.26
N ASN A 244 0.13 -4.55 17.35
CA ASN A 244 1.49 -4.91 16.98
CA ASN A 244 1.50 -4.91 16.99
C ASN A 244 1.67 -5.14 15.48
N ILE A 245 0.89 -4.45 14.67
CA ILE A 245 0.97 -4.54 13.23
C ILE A 245 1.58 -3.25 12.69
N LEU A 246 2.57 -3.39 11.83
CA LEU A 246 3.19 -2.23 11.18
C LEU A 246 2.50 -1.93 9.85
N ILE A 247 2.25 -0.64 9.60
CA ILE A 247 1.66 -0.15 8.36
C ILE A 247 2.73 0.56 7.54
N VAL A 248 2.87 0.15 6.29
CA VAL A 248 3.83 0.69 5.33
C VAL A 248 3.00 1.29 4.20
N ALA A 249 3.26 2.56 3.87
CA ALA A 249 2.46 3.25 2.86
C ALA A 249 3.35 4.06 1.95
N SER A 250 2.87 4.23 0.72
CA SER A 250 3.61 4.98 -0.28
C SER A 250 3.61 6.49 0.03
N ALA A 251 4.73 7.15 -0.30
CA ALA A 251 4.82 8.60 -0.09
C ALA A 251 4.06 9.37 -1.15
N GLY A 252 3.83 8.77 -2.31
CA GLY A 252 3.16 9.44 -3.41
C GLY A 252 4.12 9.93 -4.47
N ASN A 253 3.55 10.25 -5.64
CA ASN A 253 4.32 10.46 -6.86
C ASN A 253 4.13 11.86 -7.42
N GLU A 254 4.00 12.87 -6.55
CA GLU A 254 3.75 14.25 -6.95
C GLU A 254 5.00 15.13 -6.93
N SER A 255 6.18 14.56 -6.69
CA SER A 255 7.45 15.30 -6.59
CA SER A 255 7.42 15.33 -6.63
C SER A 255 7.31 16.51 -5.66
N ARG A 256 6.67 16.27 -4.52
CA ARG A 256 6.37 17.31 -3.54
C ARG A 256 6.94 16.95 -2.17
N ASP A 257 7.26 18.00 -1.41
CA ASP A 257 7.59 17.86 0.00
C ASP A 257 6.28 17.72 0.77
N ILE A 258 6.01 16.53 1.29
CA ILE A 258 4.73 16.28 1.95
C ILE A 258 4.80 16.63 3.43
N SER A 259 5.89 17.27 3.84
CA SER A 259 6.02 17.78 5.20
C SER A 259 5.70 19.25 5.30
N THR A 260 5.55 19.95 4.18
CA THR A 260 5.16 21.35 4.15
C THR A 260 3.67 21.41 3.85
N GLY A 261 2.89 21.92 4.81
CA GLY A 261 1.44 21.89 4.75
C GLY A 261 0.83 22.83 3.73
N LYS A 264 -2.49 17.51 3.47
CA LYS A 264 -1.81 16.30 3.93
C LYS A 264 -1.93 15.21 2.86
N HIS A 265 -0.83 14.53 2.57
CA HIS A 265 -0.89 13.26 1.86
C HIS A 265 -1.35 12.19 2.83
N ILE A 266 -2.18 11.27 2.35
CA ILE A 266 -2.88 10.30 3.21
C ILE A 266 -2.91 8.93 2.54
N PRO A 267 -2.60 7.82 3.24
CA PRO A 267 -2.06 7.74 4.60
C PRO A 267 -0.55 7.93 4.72
N GLY A 268 0.20 7.76 3.63
CA GLY A 268 1.63 7.97 3.68
C GLY A 268 1.95 9.39 4.11
N GLY A 269 2.77 9.52 5.15
CA GLY A 269 3.13 10.80 5.71
C GLY A 269 2.51 11.09 7.06
N LEU A 270 1.48 10.33 7.43
CA LEU A 270 0.83 10.50 8.72
C LEU A 270 1.66 9.87 9.84
N GLU A 271 1.43 10.33 11.06
CA GLU A 271 2.12 9.78 12.20
C GLU A 271 1.88 8.28 12.30
N SER A 272 2.91 7.57 12.75
CA SER A 272 2.89 6.14 13.01
C SER A 272 2.84 5.29 11.75
N VAL A 273 2.89 5.91 10.57
CA VAL A 273 2.94 5.20 9.29
C VAL A 273 4.39 5.18 8.81
N ILE A 274 4.86 4.02 8.38
CA ILE A 274 6.17 3.92 7.74
C ILE A 274 5.96 4.35 6.29
N THR A 275 6.47 5.52 5.94
CA THR A 275 6.16 6.14 4.66
C THR A 275 7.35 6.03 3.72
N VAL A 276 7.11 5.52 2.50
CA VAL A 276 8.19 5.07 1.63
C VAL A 276 8.24 5.87 0.33
N GLY A 277 9.38 6.52 0.10
CA GLY A 277 9.67 7.20 -1.15
C GLY A 277 10.45 6.32 -2.10
N ALA A 278 10.71 6.84 -3.31
CA ALA A 278 11.38 6.09 -4.36
C ALA A 278 12.67 6.76 -4.80
N THR A 279 13.69 5.94 -5.04
CA THR A 279 14.91 6.37 -5.71
C THR A 279 14.96 5.80 -7.13
N LYS A 280 15.68 6.51 -7.99
CA LYS A 280 15.87 6.11 -9.37
C LYS A 280 17.22 5.43 -9.52
N LYS A 281 17.52 4.99 -10.75
CA LYS A 281 18.66 4.11 -10.96
C LYS A 281 19.98 4.78 -10.60
N SER A 282 20.07 6.11 -10.72
CA SER A 282 21.29 6.83 -10.35
C SER A 282 21.52 6.83 -8.85
N GLY A 283 20.53 6.48 -8.05
CA GLY A 283 20.64 6.54 -6.60
C GLY A 283 20.00 7.78 -6.00
N ASP A 284 19.67 8.76 -6.83
CA ASP A 284 18.97 9.93 -6.33
C ASP A 284 17.49 9.63 -6.13
N ILE A 285 16.83 10.50 -5.37
CA ILE A 285 15.37 10.43 -5.29
C ILE A 285 14.79 10.51 -6.70
N ALA A 286 13.82 9.64 -6.98
CA ALA A 286 13.24 9.57 -8.31
C ALA A 286 12.52 10.87 -8.65
N ASP A 287 12.41 11.13 -9.95
CA ASP A 287 11.91 12.43 -10.41
C ASP A 287 10.48 12.69 -9.93
N TYR A 288 9.69 11.64 -9.73
CA TYR A 288 8.31 11.76 -9.34
C TYR A 288 8.10 11.63 -7.83
N SER A 289 9.10 11.21 -7.08
CA SER A 289 8.83 10.81 -5.70
C SER A 289 8.58 12.01 -4.82
N ASN A 290 7.60 11.87 -3.94
CA ASN A 290 7.48 12.79 -2.82
C ASN A 290 8.65 12.57 -1.86
N TYR A 291 8.86 13.56 -1.00
CA TYR A 291 10.00 13.56 -0.09
C TYR A 291 9.61 14.41 1.12
N GLY A 292 10.55 14.59 2.03
CA GLY A 292 10.33 15.42 3.20
C GLY A 292 10.51 14.65 4.49
N SER A 293 10.41 15.37 5.61
CA SER A 293 10.75 14.77 6.89
C SER A 293 9.79 13.67 7.31
N ASN A 294 8.57 13.66 6.80
CA ASN A 294 7.63 12.57 7.08
C ASN A 294 7.67 11.44 6.07
N VAL A 295 8.68 11.41 5.23
CA VAL A 295 9.01 10.21 4.46
C VAL A 295 10.09 9.48 5.23
N SER A 296 9.79 8.24 5.64
CA SER A 296 10.64 7.48 6.56
C SER A 296 11.88 6.92 5.88
N ILE A 297 11.72 6.46 4.63
CA ILE A 297 12.74 5.61 4.02
C ILE A 297 12.40 5.54 2.54
N TYR A 298 13.39 5.19 1.73
CA TYR A 298 13.27 5.13 0.29
C TYR A 298 13.63 3.73 -0.19
N GLY A 299 13.12 3.39 -1.35
CA GLY A 299 13.59 2.19 -2.02
C GLY A 299 13.72 2.43 -3.50
N PRO A 300 14.63 1.71 -4.15
CA PRO A 300 14.81 1.88 -5.61
C PRO A 300 13.56 1.39 -6.33
N ALA A 301 12.95 2.27 -7.11
CA ALA A 301 11.74 1.90 -7.81
C ALA A 301 11.73 2.38 -9.26
N GLY A 302 12.84 2.90 -9.75
CA GLY A 302 13.00 3.24 -11.14
C GLY A 302 12.16 4.42 -11.60
N GLY A 303 12.10 4.54 -12.91
CA GLY A 303 11.49 5.69 -13.54
C GLY A 303 11.79 5.69 -15.03
N TYR A 304 11.41 6.79 -15.66
CA TYR A 304 11.49 6.88 -17.12
C TYR A 304 12.88 7.17 -17.63
N GLY A 305 13.79 7.66 -16.78
CA GLY A 305 15.11 8.05 -17.19
C GLY A 305 15.22 9.56 -17.37
N ASP A 306 16.47 10.05 -17.36
CA ASP A 306 16.72 11.48 -17.40
C ASP A 306 16.39 12.11 -18.76
N ASN A 307 16.39 11.32 -19.83
CA ASN A 307 16.11 11.89 -21.14
C ASN A 307 14.62 12.02 -21.44
N TYR A 308 13.76 11.46 -20.58
CA TYR A 308 12.33 11.51 -20.81
C TYR A 308 11.81 12.94 -20.87
N LYS A 309 12.26 13.81 -19.96
CA LYS A 309 11.81 15.19 -19.95
C LYS A 309 12.10 15.92 -21.26
N ILE A 310 12.95 15.36 -22.11
CA ILE A 310 13.38 15.99 -23.35
C ILE A 310 12.70 15.35 -24.56
N THR A 311 12.68 14.01 -24.61
CA THR A 311 12.18 13.27 -25.75
C THR A 311 10.80 12.65 -25.53
N GLY A 312 10.34 12.56 -24.28
CA GLY A 312 9.11 11.84 -24.01
C GLY A 312 9.22 10.34 -24.09
N GLN A 313 10.41 9.81 -24.32
CA GLN A 313 10.60 8.37 -24.43
C GLN A 313 10.94 7.77 -23.07
N ILE A 314 10.54 6.51 -22.88
CA ILE A 314 10.87 5.76 -21.67
C ILE A 314 12.12 4.95 -21.93
N ASP A 315 13.11 5.07 -21.05
CA ASP A 315 14.25 4.16 -21.07
C ASP A 315 13.87 2.94 -20.22
N ALA A 316 13.59 1.82 -20.89
CA ALA A 316 13.14 0.64 -20.18
C ALA A 316 14.15 0.18 -19.12
N ARG A 317 15.45 0.43 -19.34
CA ARG A 317 16.46 -0.01 -18.37
C ARG A 317 16.39 0.79 -17.08
N GLU A 318 15.72 1.93 -17.08
CA GLU A 318 15.58 2.74 -15.88
C GLU A 318 14.36 2.33 -15.07
N MET A 319 13.51 1.46 -15.60
CA MET A 319 12.29 0.97 -14.98
C MET A 319 12.60 -0.26 -14.12
N MET A 320 11.58 -0.79 -13.44
CA MET A 320 11.70 -1.93 -12.53
C MET A 320 10.81 -3.08 -12.97
N MET A 321 11.37 -4.29 -13.03
CA MET A 321 10.57 -5.45 -13.38
C MET A 321 9.76 -5.92 -12.18
N THR A 322 8.49 -6.26 -12.42
CA THR A 322 7.65 -6.88 -11.40
C THR A 322 6.59 -7.72 -12.11
N TYR A 323 5.70 -8.33 -11.33
CA TYR A 323 4.62 -9.13 -11.88
C TYR A 323 3.53 -8.22 -12.44
N TYR A 324 2.66 -8.83 -13.24
CA TYR A 324 1.52 -8.17 -13.85
C TYR A 324 0.48 -9.26 -14.07
N PRO A 325 -0.81 -8.92 -14.10
CA PRO A 325 -1.81 -9.98 -14.24
C PRO A 325 -1.67 -10.70 -15.56
N THR A 326 -1.82 -12.03 -15.51
CA THR A 326 -1.93 -12.83 -16.72
C THR A 326 -3.20 -12.51 -17.49
N SER A 327 -4.11 -11.75 -16.92
CA SER A 327 -5.35 -11.32 -17.54
C SER A 327 -5.17 -10.02 -18.32
N LEU A 328 -3.99 -9.42 -18.29
CA LEU A 328 -3.70 -8.14 -18.92
C LEU A 328 -2.50 -8.27 -19.85
N VAL A 329 -2.28 -7.25 -20.68
CA VAL A 329 -1.10 -7.15 -21.55
C VAL A 329 -0.27 -5.94 -21.15
N SER A 330 1.01 -6.17 -20.86
CA SER A 330 1.95 -5.12 -20.50
C SER A 330 2.71 -4.67 -21.74
N PRO A 331 2.51 -3.45 -22.23
CA PRO A 331 3.22 -3.04 -23.44
C PRO A 331 4.74 -3.03 -23.30
N LEU A 332 5.25 -2.55 -22.18
CA LEU A 332 6.70 -2.56 -22.00
C LEU A 332 7.23 -3.95 -21.73
N GLY A 333 6.45 -4.77 -21.02
CA GLY A 333 6.84 -6.17 -20.85
C GLY A 333 6.95 -6.91 -22.17
N LYS A 334 5.97 -6.72 -23.05
CA LYS A 334 6.04 -7.36 -24.36
C LYS A 334 7.21 -6.80 -25.18
N ALA A 335 7.43 -5.48 -25.12
CA ALA A 335 8.55 -4.91 -25.84
C ALA A 335 9.89 -5.43 -25.32
N ALA A 336 9.95 -5.78 -24.03
CA ALA A 336 11.13 -6.41 -23.44
C ALA A 336 11.16 -7.92 -23.64
N ASP A 337 10.20 -8.48 -24.38
CA ASP A 337 10.16 -9.90 -24.67
C ASP A 337 9.89 -10.75 -23.42
N PHE A 338 9.18 -10.17 -22.44
CA PHE A 338 8.82 -10.93 -21.25
C PHE A 338 7.69 -11.93 -21.55
N PRO A 339 7.62 -13.01 -20.79
CA PRO A 339 6.42 -13.85 -20.80
C PRO A 339 5.23 -13.05 -20.28
N ASP A 340 4.03 -13.57 -20.51
CA ASP A 340 2.85 -13.01 -19.86
C ASP A 340 3.06 -13.05 -18.36
N GLY A 341 2.55 -12.04 -17.67
CA GLY A 341 2.63 -11.97 -16.23
C GLY A 341 3.70 -11.06 -15.68
N TYR A 342 4.38 -10.29 -16.53
CA TYR A 342 5.50 -9.47 -16.09
C TYR A 342 5.46 -8.11 -16.78
N THR A 343 5.88 -7.09 -16.06
CA THR A 343 5.86 -5.74 -16.58
C THR A 343 7.11 -5.01 -16.14
N LEU A 344 7.33 -3.84 -16.73
CA LEU A 344 8.29 -2.86 -16.25
C LEU A 344 7.47 -1.67 -15.76
N SER A 345 7.73 -1.24 -14.53
CA SER A 345 6.93 -0.20 -13.91
C SER A 345 7.82 0.70 -13.05
N PHE A 346 7.18 1.58 -12.29
CA PHE A 346 7.86 2.54 -11.43
C PHE A 346 6.86 2.97 -10.38
N GLY A 347 7.37 3.68 -9.37
CA GLY A 347 6.48 4.37 -8.45
C GLY A 347 6.77 4.13 -7.00
N THR A 348 6.34 5.04 -6.13
CA THR A 348 6.46 4.77 -4.71
C THR A 348 5.66 3.52 -4.33
N SER A 349 4.67 3.14 -5.14
CA SER A 349 3.95 1.89 -4.94
C SER A 349 4.84 0.67 -5.02
N LEU A 350 5.99 0.74 -5.69
CA LEU A 350 6.90 -0.39 -5.75
C LEU A 350 7.98 -0.32 -4.68
N ALA A 351 8.36 0.87 -4.22
CA ALA A 351 9.30 0.96 -3.11
C ALA A 351 8.65 0.50 -1.81
N THR A 352 7.38 0.85 -1.63
CA THR A 352 6.62 0.45 -0.44
C THR A 352 6.70 -1.04 -0.15
N PRO A 353 6.39 -1.93 -1.09
CA PRO A 353 6.52 -3.37 -0.81
C PRO A 353 7.94 -3.85 -0.57
N GLU A 354 8.96 -3.13 -1.05
CA GLU A 354 10.33 -3.50 -0.68
C GLU A 354 10.49 -3.40 0.82
N VAL A 355 9.92 -2.36 1.43
CA VAL A 355 9.97 -2.18 2.87
C VAL A 355 9.10 -3.20 3.58
N SER A 356 7.87 -3.46 3.08
CA SER A 356 7.04 -4.51 3.68
C SER A 356 7.76 -5.85 3.66
N ALA A 357 8.41 -6.17 2.54
CA ALA A 357 9.16 -7.42 2.46
C ALA A 357 10.36 -7.41 3.39
N ALA A 358 11.08 -6.28 3.48
CA ALA A 358 12.17 -6.18 4.45
C ALA A 358 11.70 -6.47 5.87
N LEU A 359 10.56 -5.90 6.26
CA LEU A 359 10.02 -6.17 7.58
C LEU A 359 9.68 -7.64 7.73
N ALA A 360 9.11 -8.25 6.70
CA ALA A 360 8.75 -9.67 6.78
C ALA A 360 9.99 -10.53 6.91
N ALA A 361 11.10 -10.13 6.26
CA ALA A 361 12.34 -10.88 6.40
C ALA A 361 12.91 -10.78 7.81
N ILE A 362 12.86 -9.59 8.42
CA ILE A 362 13.28 -9.43 9.81
C ILE A 362 12.44 -10.34 10.70
N MET A 363 11.12 -10.33 10.48
CA MET A 363 10.23 -11.08 11.35
C MET A 363 10.42 -12.58 11.17
N SER A 364 10.63 -13.05 9.93
CA SER A 364 10.77 -14.50 9.74
C SER A 364 12.06 -15.04 10.36
N LYS A 365 13.04 -14.20 10.55
CA LYS A 365 14.28 -14.60 11.21
C LYS A 365 14.17 -14.53 12.73
N ASN A 366 13.05 -14.07 13.28
CA ASN A 366 12.92 -13.90 14.72
C ASN A 366 11.84 -14.79 15.34
N VAL A 367 11.59 -15.96 14.74
CA VAL A 367 10.55 -16.87 15.24
C VAL A 367 10.83 -17.28 16.68
N ASP A 368 12.05 -17.74 16.96
CA ASP A 368 12.41 -18.27 18.26
C ASP A 368 13.10 -17.26 19.16
N ASN A 369 13.30 -16.04 18.68
CA ASN A 369 13.84 -14.95 19.48
C ASN A 369 12.95 -13.74 19.22
N SER A 370 11.74 -13.79 19.78
CA SER A 370 10.66 -12.89 19.39
C SER A 370 11.03 -11.43 19.68
N LYS A 371 10.95 -10.60 18.64
CA LYS A 371 11.04 -9.15 18.77
C LYS A 371 9.67 -8.54 18.48
N ASP A 372 9.28 -7.54 19.28
CA ASP A 372 8.01 -6.89 19.04
C ASP A 372 8.11 -5.91 17.87
N SER A 373 6.98 -5.31 17.50
CA SER A 373 6.96 -4.46 16.32
C SER A 373 7.86 -3.24 16.48
N ASN A 374 7.95 -2.69 17.68
CA ASN A 374 8.83 -1.54 17.89
C ASN A 374 10.28 -1.90 17.57
N GLU A 375 10.72 -3.09 18.02
CA GLU A 375 12.10 -3.49 17.78
C GLU A 375 12.31 -3.86 16.33
N VAL A 376 11.31 -4.48 15.69
CA VAL A 376 11.42 -4.78 14.27
C VAL A 376 11.55 -3.50 13.49
N LEU A 377 10.74 -2.49 13.85
CA LEU A 377 10.78 -1.22 13.15
C LEU A 377 12.15 -0.56 13.32
N ASN A 378 12.70 -0.56 14.52
CA ASN A 378 14.02 0.03 14.69
C ASN A 378 15.09 -0.73 13.91
N THR A 379 14.97 -2.06 13.84
CA THR A 379 15.90 -2.85 13.04
C THR A 379 15.85 -2.45 11.56
N LEU A 380 14.64 -2.21 11.03
CA LEU A 380 14.51 -1.74 9.65
C LEU A 380 15.36 -0.49 9.42
N PHE A 381 15.27 0.47 10.33
CA PHE A 381 16.00 1.71 10.16
C PHE A 381 17.49 1.52 10.36
N GLU A 382 17.88 0.65 11.29
CA GLU A 382 19.29 0.39 11.51
C GLU A 382 19.91 -0.30 10.31
N ASN A 383 19.14 -1.13 9.63
CA ASN A 383 19.63 -1.90 8.48
C ASN A 383 19.72 -1.05 7.22
N ALA A 384 18.98 0.05 7.15
CA ALA A 384 18.97 0.88 5.96
C ALA A 384 20.32 1.59 5.79
N ASP A 385 20.67 1.87 4.54
CA ASP A 385 21.87 2.62 4.23
C ASP A 385 21.51 4.06 3.91
N SER A 386 22.35 4.99 4.35
CA SER A 386 22.10 6.38 4.05
C SER A 386 22.58 6.73 2.65
N PHE A 387 21.94 7.73 2.04
CA PHE A 387 22.38 8.28 0.77
C PHE A 387 22.13 9.77 0.79
N ILE A 388 22.84 10.48 -0.09
CA ILE A 388 22.65 11.92 -0.26
C ILE A 388 22.02 12.14 -1.63
N ASP A 389 20.94 12.92 -1.66
CA ASP A 389 20.28 13.25 -2.91
C ASP A 389 21.02 14.38 -3.60
N LYS A 390 21.12 14.29 -4.91
CA LYS A 390 21.84 15.29 -5.72
C LYS A 390 21.37 16.73 -5.48
N MET A 393 20.14 18.40 -1.37
CA MET A 393 21.33 17.75 -0.86
C MET A 393 21.18 17.35 0.61
N LEU A 394 20.15 16.56 0.90
CA LEU A 394 19.88 16.05 2.25
C LEU A 394 20.24 14.58 2.34
N LYS A 395 20.26 14.08 3.59
CA LYS A 395 20.62 12.70 3.90
C LYS A 395 19.36 11.90 4.21
N TYR A 396 19.22 10.76 3.54
CA TYR A 396 18.01 9.94 3.61
C TYR A 396 18.43 8.48 3.80
N LYS A 397 17.47 7.62 4.11
CA LYS A 397 17.73 6.19 4.29
C LYS A 397 17.12 5.40 3.15
N GLU A 398 17.84 4.37 2.70
CA GLU A 398 17.34 3.47 1.67
C GLU A 398 17.32 2.03 2.19
N VAL A 399 16.20 1.34 1.95
CA VAL A 399 15.97 0.02 2.52
C VAL A 399 17.05 -0.96 2.09
N ARG A 400 17.47 -1.80 3.03
CA ARG A 400 18.34 -2.95 2.75
C ARG A 400 17.76 -4.17 3.44
N ILE A 401 17.79 -5.30 2.76
CA ILE A 401 17.41 -6.59 3.33
C ILE A 401 18.63 -7.17 4.03
N LYS A 402 18.41 -7.79 5.18
CA LYS A 402 19.54 -8.43 5.85
C LYS A 402 19.35 -9.94 6.04
#